data_2IG3
#
_entry.id   2IG3
#
_cell.length_a   95.588
_cell.length_b   95.588
_cell.length_c   65.424
_cell.angle_alpha   90.00
_cell.angle_beta   90.00
_cell.angle_gamma   120.00
#
_symmetry.space_group_name_H-M   'P 32 2 1'
#
loop_
_entity.id
_entity.type
_entity.pdbx_description
1 polymer 'Group III truncated haemoglobin'
2 non-polymer 'CYANIDE ION'
3 non-polymer 'ACETATE ION'
4 non-polymer 'SULFATE ION'
5 non-polymer 'PROTOPORPHYRIN IX CONTAINING FE'
6 water water
#
_entity_poly.entity_id   1
_entity_poly.type   'polypeptide(L)'
_entity_poly.pdbx_seq_one_letter_code
;MKFETINQESIAKLMEIFYEKVRKDKDLGPIFNNAIGTSDEEWKEHKAKIGNFWAGMLLGEGDYNGQPLKKHLDLPPFPQ
EFFEIWLKLFEESLNIVYNEEMKNVILQRAQMIASHFQNMLYKYGGH
;
_entity_poly.pdbx_strand_id   A,B
#
loop_
_chem_comp.id
_chem_comp.type
_chem_comp.name
_chem_comp.formula
ACT non-polymer 'ACETATE ION' 'C2 H3 O2 -1'
CYN non-polymer 'CYANIDE ION' 'C N -1'
HEM non-polymer 'PROTOPORPHYRIN IX CONTAINING FE' 'C34 H32 Fe N4 O4'
SO4 non-polymer 'SULFATE ION' 'O4 S -2'
#
# COMPACT_ATOMS: atom_id res chain seq x y z
N MET A 1 29.32 -19.93 -15.92
CA MET A 1 29.21 -19.79 -14.43
C MET A 1 28.20 -18.70 -14.03
N LYS A 2 28.06 -17.67 -14.88
CA LYS A 2 27.04 -16.63 -14.69
C LYS A 2 26.03 -16.62 -15.83
N PHE A 3 24.76 -16.45 -15.50
CA PHE A 3 23.69 -16.46 -16.50
C PHE A 3 23.72 -15.25 -17.40
N GLU A 4 23.73 -15.51 -18.70
CA GLU A 4 23.66 -14.47 -19.73
C GLU A 4 22.23 -14.41 -20.25
N THR A 5 21.33 -15.14 -19.59
CA THR A 5 19.93 -15.18 -19.99
C THR A 5 19.02 -15.13 -18.74
N ILE A 6 17.71 -14.98 -18.95
CA ILE A 6 16.73 -15.00 -17.87
C ILE A 6 15.75 -16.14 -18.08
N ASN A 7 15.71 -17.06 -17.13
CA ASN A 7 14.84 -18.24 -17.19
C ASN A 7 14.45 -18.67 -15.81
N GLN A 8 13.59 -19.68 -15.71
CA GLN A 8 13.19 -20.23 -14.43
C GLN A 8 14.39 -20.59 -13.53
N GLU A 9 15.46 -21.12 -14.14
CA GLU A 9 16.64 -21.56 -13.38
C GLU A 9 17.37 -20.40 -12.72
N SER A 10 17.66 -19.36 -13.50
CA SER A 10 18.35 -18.16 -13.02
C SER A 10 17.56 -17.40 -11.96
N ILE A 11 16.25 -17.29 -12.17
CA ILE A 11 15.35 -16.63 -11.19
C ILE A 11 15.27 -17.41 -9.88
N ALA A 12 15.25 -18.74 -9.96
CA ALA A 12 15.23 -19.62 -8.80
C ALA A 12 16.53 -19.47 -7.99
N LYS A 13 17.66 -19.36 -8.70
CA LYS A 13 18.95 -19.10 -8.04
C LYS A 13 18.96 -17.72 -7.38
N LEU A 14 18.41 -16.73 -8.08
CA LEU A 14 18.27 -15.39 -7.53
C LEU A 14 17.44 -15.40 -6.24
N MET A 15 16.30 -16.08 -6.25
CA MET A 15 15.44 -16.18 -5.08
C MET A 15 16.14 -16.85 -3.90
N GLU A 16 16.89 -17.91 -4.19
CA GLU A 16 17.63 -18.63 -3.15
C GLU A 16 18.59 -17.69 -2.46
N ILE A 17 19.43 -17.06 -3.26
CA ILE A 17 20.49 -16.19 -2.78
C ILE A 17 19.94 -14.94 -2.07
N PHE A 18 18.97 -14.27 -2.68
CA PHE A 18 18.45 -13.03 -2.09
C PHE A 18 17.71 -13.28 -0.79
N TYR A 19 16.80 -14.25 -0.77
CA TYR A 19 16.01 -14.43 0.45
C TYR A 19 16.77 -15.08 1.61
N GLU A 20 17.88 -15.75 1.28
CA GLU A 20 18.82 -16.16 2.31
C GLU A 20 19.58 -14.96 2.92
N LYS A 21 20.01 -14.00 2.09
CA LYS A 21 20.52 -12.72 2.62
C LYS A 21 19.47 -11.95 3.43
N VAL A 22 18.24 -11.89 2.93
CA VAL A 22 17.16 -11.20 3.63
C VAL A 22 16.87 -11.83 5.01
N ARG A 23 16.80 -13.15 5.02
CA ARG A 23 16.52 -13.92 6.25
C ARG A 23 17.62 -13.69 7.30
N LYS A 24 18.86 -13.59 6.83
CA LYS A 24 20.01 -13.36 7.70
C LYS A 24 20.18 -11.90 8.09
N ASP A 25 19.46 -11.01 7.40
CA ASP A 25 19.62 -9.58 7.63
C ASP A 25 19.05 -9.14 8.98
N LYS A 26 19.83 -8.33 9.69
CA LYS A 26 19.50 -7.81 11.01
C LYS A 26 18.22 -6.97 11.01
N ASP A 27 18.03 -6.20 9.95
CA ASP A 27 16.88 -5.30 9.83
C ASP A 27 15.69 -5.94 9.13
N LEU A 28 15.92 -6.60 8.00
CA LEU A 28 14.83 -7.20 7.23
C LEU A 28 14.31 -8.49 7.85
N GLY A 29 15.21 -9.31 8.36
CA GLY A 29 14.84 -10.65 8.88
C GLY A 29 13.60 -10.73 9.74
N PRO A 30 13.51 -9.90 10.80
CA PRO A 30 12.33 -9.83 11.66
C PRO A 30 11.03 -9.49 10.94
N ILE A 31 11.07 -8.52 10.04
CA ILE A 31 9.87 -8.17 9.24
C ILE A 31 9.34 -9.38 8.50
N PHE A 32 10.23 -10.07 7.79
CA PHE A 32 9.84 -11.21 6.97
C PHE A 32 9.41 -12.36 7.86
N ASN A 33 10.19 -12.64 8.90
CA ASN A 33 9.84 -13.69 9.87
C ASN A 33 8.48 -13.47 10.53
N ASN A 34 8.21 -12.26 10.99
CA ASN A 34 6.90 -11.96 11.58
C ASN A 34 5.74 -12.12 10.58
N ALA A 35 6.04 -11.96 9.29
CA ALA A 35 4.99 -12.01 8.26
C ALA A 35 4.75 -13.41 7.67
N ILE A 36 5.81 -14.16 7.38
CA ILE A 36 5.65 -15.43 6.69
C ILE A 36 5.92 -16.66 7.57
N GLY A 37 6.64 -16.45 8.68
CA GLY A 37 7.03 -17.54 9.58
C GLY A 37 8.53 -17.81 9.54
N THR A 38 8.98 -18.80 10.30
CA THR A 38 10.41 -19.14 10.34
C THR A 38 10.78 -20.49 9.74
N SER A 39 9.76 -21.32 9.46
CA SER A 39 10.03 -22.64 8.89
C SER A 39 10.62 -22.54 7.50
N ASP A 40 11.40 -23.55 7.13
CA ASP A 40 12.04 -23.63 5.83
C ASP A 40 11.01 -23.73 4.71
N GLU A 41 9.88 -24.37 5.00
CA GLU A 41 8.83 -24.55 4.02
C GLU A 41 8.07 -23.26 3.72
N GLU A 42 7.74 -22.51 4.78
CA GLU A 42 7.16 -21.16 4.64
C GLU A 42 8.06 -20.24 3.81
N TRP A 43 9.36 -20.34 4.02
CA TRP A 43 10.33 -19.57 3.25
C TRP A 43 10.48 -20.06 1.81
N LYS A 44 10.31 -21.36 1.60
CA LYS A 44 10.30 -21.94 0.26
C LYS A 44 9.06 -21.54 -0.53
N GLU A 45 7.91 -21.47 0.16
CA GLU A 45 6.65 -21.04 -0.44
C GLU A 45 6.67 -19.54 -0.81
N HIS A 46 7.38 -18.76 -0.01
CA HIS A 46 7.58 -17.33 -0.28
C HIS A 46 8.48 -17.14 -1.49
N LYS A 47 9.58 -17.87 -1.53
CA LYS A 47 10.51 -17.80 -2.68
C LYS A 47 9.83 -18.23 -3.98
N ALA A 48 9.00 -19.27 -3.90
CA ALA A 48 8.19 -19.73 -5.01
C ALA A 48 7.30 -18.60 -5.52
N LYS A 49 6.55 -17.96 -4.62
CA LYS A 49 5.67 -16.85 -4.99
C LYS A 49 6.41 -15.68 -5.62
N ILE A 50 7.48 -15.21 -4.97
CA ILE A 50 8.28 -14.10 -5.52
C ILE A 50 8.93 -14.53 -6.85
N GLY A 51 9.31 -15.81 -6.96
CA GLY A 51 9.81 -16.36 -8.23
C GLY A 51 8.78 -16.23 -9.35
N ASN A 52 7.52 -16.49 -9.02
CA ASN A 52 6.41 -16.31 -9.96
C ASN A 52 6.12 -14.83 -10.31
N PHE A 53 6.27 -13.96 -9.33
CA PHE A 53 6.18 -12.52 -9.56
C PHE A 53 7.18 -12.09 -10.61
N TRP A 54 8.43 -12.52 -10.43
CA TRP A 54 9.52 -12.14 -11.32
C TRP A 54 9.43 -12.77 -12.69
N ALA A 55 8.97 -14.01 -12.75
CA ALA A 55 8.68 -14.65 -14.04
C ALA A 55 7.59 -13.88 -14.82
N GLY A 56 6.55 -13.41 -14.13
CA GLY A 56 5.48 -12.63 -14.77
C GLY A 56 6.00 -11.30 -15.30
N MET A 57 6.88 -10.68 -14.51
CA MET A 57 7.51 -9.41 -14.83
C MET A 57 8.53 -9.53 -15.98
N LEU A 58 9.31 -10.61 -15.96
CA LEU A 58 10.46 -10.76 -16.82
C LEU A 58 10.22 -11.70 -17.99
N LEU A 59 9.41 -12.72 -17.78
CA LEU A 59 9.19 -13.73 -18.81
C LEU A 59 7.76 -13.74 -19.37
N GLY A 60 6.84 -13.05 -18.72
CA GLY A 60 5.43 -13.04 -19.14
C GLY A 60 4.70 -14.35 -18.89
N GLU A 61 5.18 -15.13 -17.92
CA GLU A 61 4.53 -16.38 -17.54
C GLU A 61 4.60 -16.63 -16.03
N GLY A 62 3.77 -17.55 -15.54
CA GLY A 62 3.73 -17.87 -14.12
C GLY A 62 2.35 -17.67 -13.55
N ASP A 63 2.18 -18.04 -12.29
CA ASP A 63 0.86 -17.99 -11.68
C ASP A 63 0.74 -16.89 -10.62
N TYR A 64 1.61 -15.87 -10.67
CA TYR A 64 1.46 -14.77 -9.71
C TYR A 64 0.20 -13.98 -10.03
N ASN A 65 -0.64 -13.81 -9.02
CA ASN A 65 -1.95 -13.17 -9.16
C ASN A 65 -2.30 -12.18 -8.03
N GLY A 66 -1.32 -11.84 -7.19
CA GLY A 66 -1.57 -10.98 -6.05
C GLY A 66 -1.46 -9.50 -6.30
N GLN A 67 -1.55 -8.73 -5.21
CA GLN A 67 -1.54 -7.27 -5.28
C GLN A 67 -0.34 -6.77 -4.49
N PRO A 68 0.84 -6.62 -5.15
CA PRO A 68 2.08 -6.36 -4.43
C PRO A 68 2.06 -5.08 -3.60
N LEU A 69 1.63 -3.95 -4.17
CA LEU A 69 1.54 -2.72 -3.39
C LEU A 69 0.62 -2.87 -2.16
N LYS A 70 -0.59 -3.38 -2.35
CA LYS A 70 -1.52 -3.55 -1.25
C LYS A 70 -0.91 -4.37 -0.10
N LYS A 71 -0.21 -5.44 -0.46
CA LYS A 71 0.49 -6.29 0.50
C LYS A 71 1.48 -5.54 1.40
N HIS A 72 2.30 -4.69 0.79
CA HIS A 72 3.27 -3.87 1.52
C HIS A 72 2.61 -2.74 2.32
N LEU A 73 1.52 -2.18 1.78
CA LEU A 73 0.70 -1.26 2.54
C LEU A 73 0.09 -1.93 3.79
N ASP A 74 -0.31 -3.19 3.65
CA ASP A 74 -0.96 -3.90 4.75
C ASP A 74 0.01 -4.47 5.80
N LEU A 75 1.31 -4.40 5.52
CA LEU A 75 2.34 -4.82 6.48
C LEU A 75 2.42 -3.84 7.64
N PRO A 76 2.78 -4.35 8.84
CA PRO A 76 3.05 -3.41 9.90
C PRO A 76 4.13 -2.46 9.41
N PRO A 77 3.98 -1.14 9.66
CA PRO A 77 4.93 -0.16 9.14
C PRO A 77 6.37 -0.45 9.50
N PHE A 78 7.27 -0.11 8.57
CA PHE A 78 8.70 -0.26 8.74
C PHE A 78 9.38 0.97 8.13
N PRO A 79 10.64 1.26 8.52
CA PRO A 79 11.32 2.47 8.04
C PRO A 79 11.58 2.46 6.53
N GLN A 80 11.39 3.62 5.89
CA GLN A 80 11.66 3.78 4.47
C GLN A 80 13.09 3.38 4.12
N GLU A 81 14.02 3.62 5.03
CA GLU A 81 15.43 3.27 4.85
C GLU A 81 15.65 1.78 4.54
N PHE A 82 14.70 0.94 4.93
CA PHE A 82 14.82 -0.49 4.69
C PHE A 82 14.83 -0.81 3.20
N PHE A 83 14.27 0.10 2.38
CA PHE A 83 14.26 -0.09 0.91
C PHE A 83 15.67 -0.05 0.33
N GLU A 84 16.53 0.78 0.92
CA GLU A 84 17.98 0.81 0.63
C GLU A 84 18.67 -0.52 0.92
N ILE A 85 18.32 -1.14 2.05
CA ILE A 85 18.92 -2.42 2.44
C ILE A 85 18.49 -3.50 1.45
N TRP A 86 17.18 -3.58 1.22
CA TRP A 86 16.55 -4.54 0.28
C TRP A 86 17.24 -4.48 -1.09
N LEU A 87 17.41 -3.26 -1.61
CA LEU A 87 18.04 -3.01 -2.91
C LEU A 87 19.53 -3.36 -2.92
N LYS A 88 20.25 -3.03 -1.84
CA LYS A 88 21.65 -3.40 -1.73
C LYS A 88 21.83 -4.92 -1.81
N LEU A 89 21.07 -5.65 -0.98
CA LEU A 89 21.09 -7.11 -1.00
C LEU A 89 20.63 -7.72 -2.31
N PHE A 90 19.63 -7.11 -2.96
CA PHE A 90 19.13 -7.60 -4.25
C PHE A 90 20.19 -7.47 -5.35
N GLU A 91 20.83 -6.30 -5.40
CA GLU A 91 21.91 -6.04 -6.37
C GLU A 91 23.10 -7.00 -6.14
N GLU A 92 23.49 -7.20 -4.89
CA GLU A 92 24.53 -8.20 -4.56
C GLU A 92 24.14 -9.58 -5.10
N SER A 93 22.90 -9.98 -4.89
CA SER A 93 22.41 -11.27 -5.35
C SER A 93 22.41 -11.39 -6.88
N LEU A 94 21.93 -10.35 -7.56
CA LEU A 94 21.96 -10.27 -9.03
C LEU A 94 23.37 -10.39 -9.59
N ASN A 95 24.31 -9.70 -8.94
CA ASN A 95 25.72 -9.73 -9.28
C ASN A 95 26.32 -11.14 -9.19
N ILE A 96 25.78 -11.96 -8.29
CA ILE A 96 26.21 -13.36 -8.20
C ILE A 96 25.61 -14.20 -9.33
N VAL A 97 24.33 -13.98 -9.63
CA VAL A 97 23.59 -14.83 -10.58
C VAL A 97 23.81 -14.46 -12.05
N TYR A 98 23.87 -13.15 -12.34
CA TYR A 98 23.82 -12.67 -13.74
C TYR A 98 25.07 -11.90 -14.14
N ASN A 99 25.40 -11.90 -15.44
CA ASN A 99 26.41 -11.00 -15.96
C ASN A 99 25.94 -9.55 -15.84
N GLU A 100 26.81 -8.59 -16.15
CA GLU A 100 26.50 -7.17 -15.93
C GLU A 100 25.24 -6.71 -16.70
N GLU A 101 25.10 -7.22 -17.92
CA GLU A 101 24.01 -6.84 -18.82
C GLU A 101 22.62 -7.21 -18.28
N MET A 102 22.44 -8.49 -17.93
CA MET A 102 21.20 -8.99 -17.36
C MET A 102 20.89 -8.41 -15.98
N LYS A 103 21.90 -8.41 -15.12
CA LYS A 103 21.82 -7.80 -13.79
C LYS A 103 21.22 -6.40 -13.87
N ASN A 104 21.67 -5.60 -14.83
CA ASN A 104 21.23 -4.21 -14.91
C ASN A 104 19.79 -4.03 -15.38
N VAL A 105 19.31 -4.96 -16.21
CA VAL A 105 17.91 -5.02 -16.65
C VAL A 105 16.96 -5.29 -15.48
N ILE A 106 17.33 -6.27 -14.65
CA ILE A 106 16.48 -6.68 -13.54
C ILE A 106 16.54 -5.69 -12.37
N LEU A 107 17.74 -5.18 -12.07
CA LEU A 107 17.89 -4.15 -11.03
C LEU A 107 17.04 -2.92 -11.33
N GLN A 108 17.08 -2.47 -12.58
CA GLN A 108 16.28 -1.36 -13.06
C GLN A 108 14.81 -1.60 -12.78
N ARG A 109 14.33 -2.82 -13.04
CA ARG A 109 12.94 -3.16 -12.78
C ARG A 109 12.59 -3.08 -11.29
N ALA A 110 13.47 -3.62 -10.44
CA ALA A 110 13.31 -3.55 -8.99
C ALA A 110 13.33 -2.12 -8.47
N GLN A 111 14.23 -1.29 -9.02
CA GLN A 111 14.36 0.10 -8.62
C GLN A 111 13.07 0.86 -8.92
N MET A 112 12.51 0.62 -10.10
CA MET A 112 11.23 1.22 -10.50
C MET A 112 10.08 0.85 -9.57
N ILE A 113 9.98 -0.42 -9.20
CA ILE A 113 8.96 -0.84 -8.23
C ILE A 113 9.19 -0.24 -6.83
N ALA A 114 10.44 -0.28 -6.36
CA ALA A 114 10.78 0.22 -5.02
C ALA A 114 10.45 1.71 -4.91
N SER A 115 10.78 2.43 -5.98
CA SER A 115 10.50 3.86 -6.05
C SER A 115 8.98 4.12 -5.98
N HIS A 116 8.20 3.29 -6.67
CA HIS A 116 6.73 3.38 -6.64
C HIS A 116 6.15 3.04 -5.26
N PHE A 117 6.64 1.96 -4.66
CA PHE A 117 6.27 1.63 -3.28
C PHE A 117 6.55 2.78 -2.32
N GLN A 118 7.73 3.39 -2.44
CA GLN A 118 8.17 4.43 -1.50
C GLN A 118 7.32 5.72 -1.61
N ASN A 119 7.01 6.12 -2.84
CA ASN A 119 6.13 7.28 -3.10
C ASN A 119 4.71 7.07 -2.56
N MET A 120 4.30 5.80 -2.50
CA MET A 120 2.98 5.39 -2.03
C MET A 120 2.90 5.19 -0.51
N LEU A 121 4.00 4.75 0.10
CA LEU A 121 4.00 4.32 1.51
C LEU A 121 4.40 5.38 2.53
N TYR A 122 5.13 6.40 2.08
CA TYR A 122 5.67 7.44 2.96
C TYR A 122 5.38 8.83 2.42
N LYS A 123 4.88 9.67 3.28
CA LYS A 123 4.60 11.01 2.86
C LYS A 123 5.90 11.80 2.86
N TYR A 124 6.69 11.56 3.92
CA TYR A 124 7.97 12.29 4.11
C TYR A 124 7.63 13.71 4.67
N GLY A 125 6.30 13.99 4.74
CA GLY A 125 5.64 15.27 5.14
C GLY A 125 5.41 15.49 6.66
N GLY A 126 4.20 15.30 7.19
CA GLY A 126 3.93 15.49 8.62
C GLY A 126 2.50 15.15 9.07
N HIS A 127 1.57 16.11 8.95
CA HIS A 127 0.15 15.96 9.30
C HIS A 127 -0.03 15.81 10.80
N MET B 1 -23.34 7.68 -16.82
CA MET B 1 -23.80 6.99 -15.58
C MET B 1 -22.74 7.00 -14.47
N LYS B 2 -21.53 7.40 -14.83
CA LYS B 2 -20.43 7.57 -13.86
C LYS B 2 -19.63 8.84 -14.16
N PHE B 3 -19.14 9.48 -13.10
CA PHE B 3 -18.38 10.70 -13.26
C PHE B 3 -17.01 10.45 -13.88
N GLU B 4 -16.72 11.24 -14.91
CA GLU B 4 -15.45 11.16 -15.62
C GLU B 4 -14.57 12.32 -15.17
N THR B 5 -15.15 13.17 -14.34
CA THR B 5 -14.50 14.38 -13.85
C THR B 5 -14.58 14.45 -12.32
N ILE B 6 -13.49 14.81 -11.67
CA ILE B 6 -13.58 15.10 -10.23
C ILE B 6 -14.03 16.54 -10.07
N ASN B 7 -15.20 16.71 -9.48
CA ASN B 7 -15.75 18.01 -9.16
C ASN B 7 -16.49 17.99 -7.82
N GLN B 8 -17.09 19.11 -7.44
CA GLN B 8 -17.80 19.22 -6.16
C GLN B 8 -19.00 18.26 -6.04
N GLU B 9 -19.67 18.01 -7.14
CA GLU B 9 -20.84 17.15 -7.17
C GLU B 9 -20.50 15.64 -7.03
N SER B 10 -19.37 15.24 -7.66
CA SER B 10 -18.92 13.84 -7.57
C SER B 10 -18.32 13.54 -6.19
N ILE B 11 -17.57 14.48 -5.64
CA ILE B 11 -17.03 14.30 -4.28
C ILE B 11 -18.17 14.13 -3.28
N ALA B 12 -19.15 15.05 -3.34
CA ALA B 12 -20.35 15.00 -2.50
C ALA B 12 -21.08 13.66 -2.56
N LYS B 13 -21.22 13.12 -3.77
CA LYS B 13 -21.80 11.79 -3.96
C LYS B 13 -20.92 10.70 -3.34
N LEU B 14 -19.61 10.80 -3.53
CA LEU B 14 -18.67 9.87 -2.91
C LEU B 14 -18.81 9.86 -1.38
N MET B 15 -18.91 11.04 -0.79
CA MET B 15 -19.07 11.20 0.66
C MET B 15 -20.32 10.53 1.18
N GLU B 16 -21.42 10.69 0.44
CA GLU B 16 -22.69 10.10 0.85
C GLU B 16 -22.67 8.58 0.80
N ILE B 17 -22.16 8.03 -0.31
CA ILE B 17 -22.07 6.59 -0.46
C ILE B 17 -21.08 6.00 0.54
N PHE B 18 -19.88 6.57 0.62
CA PHE B 18 -18.84 6.01 1.48
C PHE B 18 -19.23 6.03 2.96
N TYR B 19 -19.67 7.19 3.46
CA TYR B 19 -20.01 7.29 4.89
C TYR B 19 -21.27 6.54 5.29
N GLU B 20 -22.15 6.28 4.31
CA GLU B 20 -23.26 5.34 4.53
C GLU B 20 -22.74 3.92 4.81
N LYS B 21 -21.70 3.51 4.10
CA LYS B 21 -21.09 2.19 4.29
C LYS B 21 -20.34 2.13 5.61
N VAL B 22 -19.60 3.19 5.91
CA VAL B 22 -18.88 3.31 7.19
C VAL B 22 -19.86 3.21 8.38
N ARG B 23 -20.99 3.91 8.27
CA ARG B 23 -22.01 3.96 9.33
C ARG B 23 -22.59 2.57 9.62
N LYS B 24 -22.73 1.77 8.58
CA LYS B 24 -23.31 0.43 8.64
C LYS B 24 -22.30 -0.68 8.99
N ASP B 25 -21.00 -0.35 8.94
CA ASP B 25 -19.94 -1.35 9.20
C ASP B 25 -19.84 -1.68 10.69
N LYS B 26 -19.65 -2.97 11.00
CA LYS B 26 -19.61 -3.44 12.40
C LYS B 26 -18.36 -3.00 13.17
N ASP B 27 -17.28 -2.76 12.44
CA ASP B 27 -16.03 -2.35 13.08
C ASP B 27 -15.83 -0.84 13.08
N LEU B 28 -16.10 -0.20 11.95
CA LEU B 28 -15.88 1.23 11.82
C LEU B 28 -17.01 2.03 12.43
N GLY B 29 -18.23 1.51 12.32
CA GLY B 29 -19.44 2.16 12.79
C GLY B 29 -19.37 2.70 14.21
N PRO B 30 -19.09 1.82 15.21
CA PRO B 30 -18.91 2.27 16.59
C PRO B 30 -17.82 3.32 16.79
N ILE B 31 -16.69 3.18 16.08
CA ILE B 31 -15.60 4.13 16.23
C ILE B 31 -16.03 5.54 15.83
N PHE B 32 -16.75 5.66 14.72
CA PHE B 32 -17.23 6.95 14.23
C PHE B 32 -18.35 7.49 15.12
N ASN B 33 -19.31 6.64 15.48
CA ASN B 33 -20.39 7.04 16.40
C ASN B 33 -19.88 7.52 17.76
N ASN B 34 -18.87 6.85 18.31
CA ASN B 34 -18.28 7.28 19.58
C ASN B 34 -17.53 8.60 19.49
N ALA B 35 -16.96 8.89 18.31
CA ALA B 35 -16.19 10.14 18.12
C ALA B 35 -17.03 11.33 17.66
N ILE B 36 -17.97 11.11 16.75
CA ILE B 36 -18.77 12.20 16.20
C ILE B 36 -20.23 12.18 16.62
N GLY B 37 -20.69 11.06 17.16
CA GLY B 37 -22.09 10.95 17.58
C GLY B 37 -22.96 10.20 16.60
N THR B 38 -24.20 9.94 17.01
CA THR B 38 -25.15 9.18 16.19
C THR B 38 -26.09 10.06 15.35
N SER B 39 -26.07 11.38 15.55
CA SER B 39 -27.09 12.20 14.86
C SER B 39 -26.82 12.38 13.37
N ASP B 40 -27.92 12.53 12.63
CA ASP B 40 -27.85 12.75 11.20
C ASP B 40 -27.10 14.04 10.91
N GLU B 41 -27.27 15.05 11.74
CA GLU B 41 -26.59 16.34 11.56
C GLU B 41 -25.08 16.26 11.83
N GLU B 42 -24.70 15.39 12.77
CA GLU B 42 -23.29 15.17 13.07
C GLU B 42 -22.60 14.43 11.93
N TRP B 43 -23.32 13.51 11.29
CA TRP B 43 -22.83 12.76 10.14
C TRP B 43 -22.82 13.59 8.85
N LYS B 44 -23.81 14.46 8.67
CA LYS B 44 -23.81 15.46 7.59
C LYS B 44 -22.63 16.44 7.66
N GLU B 45 -22.38 17.00 8.84
CA GLU B 45 -21.23 17.88 9.06
C GLU B 45 -19.90 17.19 8.80
N HIS B 46 -19.83 15.91 9.14
CA HIS B 46 -18.57 15.22 8.92
C HIS B 46 -18.35 14.83 7.46
N LYS B 47 -19.40 14.42 6.77
CA LYS B 47 -19.38 14.26 5.30
C LYS B 47 -19.00 15.53 4.56
N ALA B 48 -19.53 16.67 5.01
CA ALA B 48 -19.17 17.99 4.46
C ALA B 48 -17.73 18.38 4.76
N LYS B 49 -17.29 18.16 6.00
CA LYS B 49 -15.89 18.37 6.39
C LYS B 49 -14.91 17.51 5.56
N ILE B 50 -15.22 16.23 5.38
CA ILE B 50 -14.32 15.34 4.65
C ILE B 50 -14.33 15.68 3.14
N GLY B 51 -15.51 15.98 2.62
CA GLY B 51 -15.65 16.47 1.25
C GLY B 51 -14.78 17.68 1.00
N ASN B 52 -14.80 18.62 1.95
CA ASN B 52 -13.94 19.82 1.92
C ASN B 52 -12.46 19.45 1.90
N PHE B 53 -12.09 18.47 2.73
CA PHE B 53 -10.71 17.95 2.72
C PHE B 53 -10.35 17.42 1.32
N TRP B 54 -11.24 16.63 0.73
CA TRP B 54 -11.01 16.06 -0.59
C TRP B 54 -11.00 17.10 -1.72
N ALA B 55 -11.88 18.10 -1.63
CA ALA B 55 -11.90 19.21 -2.60
C ALA B 55 -10.57 19.95 -2.62
N GLY B 56 -9.98 20.16 -1.45
CA GLY B 56 -8.65 20.77 -1.35
C GLY B 56 -7.59 19.89 -1.99
N MET B 57 -7.58 18.63 -1.58
CA MET B 57 -6.61 17.65 -2.06
C MET B 57 -6.68 17.37 -3.55
N LEU B 58 -7.88 17.39 -4.13
CA LEU B 58 -8.02 16.99 -5.52
C LEU B 58 -8.13 18.15 -6.51
N LEU B 59 -8.63 19.29 -6.03
CA LEU B 59 -9.01 20.39 -6.91
C LEU B 59 -8.38 21.71 -6.49
N GLY B 60 -7.81 21.75 -5.29
CA GLY B 60 -7.28 22.97 -4.71
C GLY B 60 -8.37 23.94 -4.32
N GLU B 61 -9.55 23.43 -4.01
CA GLU B 61 -10.71 24.25 -3.67
C GLU B 61 -11.09 24.06 -2.21
N GLY B 62 -12.06 24.82 -1.74
CA GLY B 62 -12.50 24.77 -0.36
C GLY B 62 -11.52 25.43 0.60
N ASP B 63 -11.88 25.43 1.88
CA ASP B 63 -11.02 26.02 2.91
C ASP B 63 -10.80 25.07 4.09
N TYR B 64 -10.60 23.78 3.79
CA TYR B 64 -10.30 22.80 4.85
C TYR B 64 -8.99 23.15 5.54
N ASN B 65 -9.04 23.27 6.86
CA ASN B 65 -7.88 23.65 7.66
C ASN B 65 -7.82 22.84 8.96
N GLY B 66 -8.47 21.69 8.98
CA GLY B 66 -8.43 20.81 10.15
C GLY B 66 -7.09 20.11 10.28
N GLN B 67 -6.95 19.32 11.34
CA GLN B 67 -5.73 18.56 11.57
C GLN B 67 -6.02 17.06 11.49
N PRO B 68 -5.93 16.47 10.28
CA PRO B 68 -6.25 15.05 10.08
C PRO B 68 -5.44 14.06 10.95
N LEU B 69 -4.11 14.13 10.92
CA LEU B 69 -3.30 13.14 11.64
C LEU B 69 -3.62 13.10 13.15
N LYS B 70 -3.49 14.26 13.80
CA LYS B 70 -3.83 14.45 15.22
C LYS B 70 -5.20 13.86 15.59
N LYS B 71 -6.22 14.15 14.78
CA LYS B 71 -7.56 13.57 14.96
C LYS B 71 -7.58 12.04 15.05
N HIS B 72 -6.77 11.37 14.23
CA HIS B 72 -6.71 9.90 14.23
C HIS B 72 -5.82 9.39 15.37
N LEU B 73 -4.73 10.10 15.65
CA LEU B 73 -3.86 9.77 16.79
C LEU B 73 -4.60 9.85 18.12
N ASP B 74 -5.58 10.76 18.19
CA ASP B 74 -6.36 11.00 19.42
C ASP B 74 -7.58 10.10 19.58
N LEU B 75 -7.89 9.28 18.57
CA LEU B 75 -8.97 8.31 18.66
C LEU B 75 -8.57 7.20 19.62
N PRO B 76 -9.56 6.57 20.28
CA PRO B 76 -9.23 5.38 21.09
C PRO B 76 -8.51 4.35 20.21
N PRO B 77 -7.57 3.58 20.78
CA PRO B 77 -6.82 2.57 20.03
C PRO B 77 -7.69 1.63 19.19
N PHE B 78 -7.27 1.40 17.95
CA PHE B 78 -7.89 0.41 17.08
C PHE B 78 -6.82 -0.24 16.21
N PRO B 79 -7.01 -1.53 15.83
CA PRO B 79 -5.95 -2.22 15.10
C PRO B 79 -5.80 -1.79 13.63
N GLN B 80 -4.59 -1.92 13.10
CA GLN B 80 -4.26 -1.55 11.70
C GLN B 80 -5.19 -2.15 10.66
N GLU B 81 -5.69 -3.36 10.97
CA GLU B 81 -6.66 -4.07 10.12
C GLU B 81 -7.83 -3.21 9.65
N PHE B 82 -8.28 -2.30 10.51
CA PHE B 82 -9.41 -1.40 10.20
C PHE B 82 -9.11 -0.46 9.01
N PHE B 83 -7.84 -0.23 8.72
CA PHE B 83 -7.46 0.56 7.53
C PHE B 83 -7.75 -0.18 6.23
N GLU B 84 -7.60 -1.51 6.25
CA GLU B 84 -8.04 -2.38 5.16
C GLU B 84 -9.54 -2.28 4.95
N ILE B 85 -10.31 -2.29 6.04
CA ILE B 85 -11.76 -2.14 5.94
C ILE B 85 -12.14 -0.77 5.33
N TRP B 86 -11.56 0.30 5.89
CA TRP B 86 -11.78 1.65 5.41
C TRP B 86 -11.50 1.71 3.90
N LEU B 87 -10.30 1.27 3.51
CA LEU B 87 -9.87 1.34 2.11
C LEU B 87 -10.71 0.48 1.18
N LYS B 88 -11.10 -0.70 1.66
CA LYS B 88 -12.00 -1.59 0.95
C LYS B 88 -13.34 -0.88 0.64
N LEU B 89 -13.98 -0.34 1.66
CA LEU B 89 -15.24 0.38 1.50
C LEU B 89 -15.07 1.62 0.62
N PHE B 90 -13.91 2.27 0.73
CA PHE B 90 -13.60 3.45 -0.08
C PHE B 90 -13.48 3.11 -1.57
N GLU B 91 -12.72 2.06 -1.91
CA GLU B 91 -12.61 1.59 -3.30
C GLU B 91 -13.96 1.19 -3.92
N GLU B 92 -14.81 0.52 -3.13
CA GLU B 92 -16.15 0.14 -3.55
C GLU B 92 -16.99 1.36 -3.88
N SER B 93 -16.93 2.36 -3.01
CA SER B 93 -17.65 3.60 -3.22
C SER B 93 -17.14 4.33 -4.46
N LEU B 94 -15.82 4.33 -4.65
CA LEU B 94 -15.20 4.98 -5.81
C LEU B 94 -15.61 4.33 -7.13
N ASN B 95 -15.70 3.00 -7.14
CA ASN B 95 -16.18 2.24 -8.29
C ASN B 95 -17.63 2.59 -8.68
N ILE B 96 -18.44 2.87 -7.67
CA ILE B 96 -19.84 3.26 -7.87
C ILE B 96 -19.99 4.68 -8.45
N VAL B 97 -19.10 5.58 -8.04
CA VAL B 97 -19.21 7.01 -8.37
C VAL B 97 -18.42 7.42 -9.62
N TYR B 98 -17.22 6.86 -9.77
CA TYR B 98 -16.30 7.32 -10.82
C TYR B 98 -15.99 6.24 -11.85
N ASN B 99 -15.36 6.69 -12.94
CA ASN B 99 -14.84 5.79 -13.98
C ASN B 99 -13.44 5.40 -13.49
N GLU B 100 -12.80 4.48 -14.23
CA GLU B 100 -11.50 3.94 -13.86
C GLU B 100 -10.41 4.98 -13.61
N GLU B 101 -10.35 5.99 -14.47
CA GLU B 101 -9.26 6.96 -14.42
C GLU B 101 -9.28 7.77 -13.13
N MET B 102 -10.46 8.31 -12.81
CA MET B 102 -10.67 9.13 -11.62
C MET B 102 -10.59 8.31 -10.33
N LYS B 103 -11.12 7.09 -10.37
CA LYS B 103 -10.99 6.14 -9.28
C LYS B 103 -9.52 5.94 -8.89
N ASN B 104 -8.65 5.79 -9.88
CA ASN B 104 -7.22 5.59 -9.63
C ASN B 104 -6.51 6.81 -9.07
N VAL B 105 -6.91 7.99 -9.54
CA VAL B 105 -6.41 9.23 -8.95
C VAL B 105 -6.72 9.28 -7.45
N ILE B 106 -7.99 9.15 -7.11
CA ILE B 106 -8.43 9.29 -5.72
C ILE B 106 -7.95 8.13 -4.83
N LEU B 107 -8.07 6.90 -5.30
CA LEU B 107 -7.59 5.73 -4.52
C LEU B 107 -6.11 5.83 -4.13
N GLN B 108 -5.25 6.11 -5.10
CA GLN B 108 -3.83 6.25 -4.84
C GLN B 108 -3.52 7.35 -3.82
N ARG B 109 -4.26 8.45 -3.89
CA ARG B 109 -4.13 9.48 -2.89
C ARG B 109 -4.55 8.97 -1.51
N ALA B 110 -5.73 8.35 -1.42
CA ALA B 110 -6.20 7.74 -0.16
C ALA B 110 -5.24 6.69 0.41
N GLN B 111 -4.69 5.84 -0.46
CA GLN B 111 -3.74 4.80 -0.04
C GLN B 111 -2.50 5.41 0.57
N MET B 112 -1.97 6.46 -0.06
CA MET B 112 -0.80 7.11 0.48
C MET B 112 -1.10 7.74 1.85
N ILE B 113 -2.26 8.39 1.95
CA ILE B 113 -2.68 9.03 3.20
C ILE B 113 -2.94 7.98 4.29
N ALA B 114 -3.60 6.89 3.93
CA ALA B 114 -3.80 5.77 4.85
C ALA B 114 -2.46 5.27 5.37
N SER B 115 -1.51 5.07 4.46
CA SER B 115 -0.20 4.53 4.81
C SER B 115 0.55 5.47 5.77
N HIS B 116 0.47 6.78 5.49
CA HIS B 116 1.03 7.80 6.36
C HIS B 116 0.40 7.79 7.77
N PHE B 117 -0.91 7.70 7.86
CA PHE B 117 -1.59 7.53 9.16
C PHE B 117 -1.09 6.26 9.89
N GLN B 118 -1.00 5.14 9.17
CA GLN B 118 -0.51 3.88 9.74
C GLN B 118 0.91 4.03 10.28
N ASN B 119 1.79 4.65 9.48
CA ASN B 119 3.16 4.89 9.89
C ASN B 119 3.29 5.55 11.28
N MET B 120 2.35 6.43 11.63
CA MET B 120 2.40 7.18 12.90
C MET B 120 1.70 6.44 14.03
N LEU B 121 0.61 5.77 13.70
CA LEU B 121 -0.19 5.03 14.65
C LEU B 121 0.45 3.72 15.08
N TYR B 122 1.12 3.05 14.15
CA TYR B 122 1.71 1.73 14.37
C TYR B 122 3.21 1.79 14.09
N LYS B 123 3.85 2.80 14.64
CA LYS B 123 5.27 3.08 14.48
C LYS B 123 6.18 1.87 14.67
N TYR B 124 7.21 1.78 13.83
CA TYR B 124 8.27 0.78 13.95
C TYR B 124 9.33 1.28 14.94
C CYN C . 9.55 -8.68 -0.65
N CYN C . 10.51 -9.30 -0.74
C ACT D . 3.88 -4.27 -9.81
O ACT D . 4.75 -4.30 -10.71
OXT ACT D . 4.15 -3.56 -8.81
CH3 ACT D . 2.59 -5.03 -9.93
S SO4 E . -1.57 -3.51 -6.43
O1 SO4 E . -1.81 -3.74 -5.00
O2 SO4 E . -2.29 -4.50 -7.21
O3 SO4 E . -2.06 -2.17 -6.75
O4 SO4 E . -0.14 -3.57 -6.75
CHA HEM F . 5.81 -9.78 -0.15
CHB HEM F . 8.66 -7.13 2.73
CHC HEM F . 10.35 -4.59 -1.06
CHD HEM F . 7.95 -7.59 -4.02
C1A HEM F . 6.46 -9.31 0.98
C2A HEM F . 6.32 -9.82 2.33
C3A HEM F . 7.11 -9.08 3.11
C4A HEM F . 7.77 -8.08 2.29
CMA HEM F . 7.33 -9.21 4.63
CAA HEM F . 5.41 -11.00 2.77
CBA HEM F . 3.97 -10.46 2.82
CGA HEM F . 3.05 -11.29 3.66
O1A HEM F . 2.14 -10.71 4.31
O2A HEM F . 3.21 -12.55 3.69
C1B HEM F . 9.33 -6.22 1.96
C2B HEM F . 10.26 -5.23 2.46
C3B HEM F . 10.71 -4.53 1.41
C4B HEM F . 10.11 -5.05 0.22
CMB HEM F . 10.62 -5.05 3.96
CAB HEM F . 11.74 -3.38 1.40
CBB HEM F . 11.89 -2.56 2.43
C1C HEM F . 9.87 -5.19 -2.20
C2C HEM F . 10.20 -4.81 -3.56
C3C HEM F . 9.55 -5.64 -4.38
C4C HEM F . 8.76 -6.58 -3.56
CMC HEM F . 11.14 -3.62 -3.90
CAC HEM F . 9.54 -5.66 -5.92
CBC HEM F . 10.61 -5.30 -6.64
C1D HEM F . 7.09 -8.39 -3.27
C2D HEM F . 6.03 -9.22 -3.80
C3D HEM F . 5.37 -9.87 -2.59
C4D HEM F . 6.09 -9.40 -1.45
CMD HEM F . 5.60 -9.42 -5.26
CAD HEM F . 4.19 -10.86 -2.59
CBD HEM F . 2.89 -10.13 -2.27
CGD HEM F . 1.79 -11.16 -2.37
O1D HEM F . 1.68 -12.04 -1.47
O2D HEM F . 1.02 -11.12 -3.34
NA HEM F . 7.35 -8.26 1.00
NB HEM F . 9.26 -6.09 0.58
NC HEM F . 9.02 -6.28 -2.24
ND HEM F . 7.09 -8.52 -1.88
FE HEM F . 8.18 -7.32 -0.61
C CYN G . -12.17 9.22 8.21
N CYN G . -13.11 9.01 7.58
C ACT H . -30.74 16.21 9.77
O ACT H . -30.14 15.63 8.85
OXT ACT H . -30.27 17.32 10.09
CH3 ACT H . -31.93 15.60 10.44
C ACT I . -15.90 22.20 -9.14
O ACT I . -17.00 21.60 -9.09
OXT ACT I . -15.91 23.35 -8.66
CH3 ACT I . -14.67 21.59 -9.73
S SO4 J . 5.76 9.15 6.75
O1 SO4 J . 6.21 7.94 7.42
O2 SO4 J . 4.54 8.85 5.99
O3 SO4 J . 5.47 10.19 7.73
O4 SO4 J . 6.83 9.59 5.87
S SO4 K . -14.14 3.12 -17.45
O1 SO4 K . -14.99 3.19 -16.28
O2 SO4 K . -14.94 3.37 -18.65
O3 SO4 K . -13.09 4.14 -17.38
O4 SO4 K . -13.53 1.80 -17.52
S SO4 L . -27.32 11.76 7.06
O1 SO4 L . -26.54 11.60 8.29
O2 SO4 L . -27.55 10.46 6.46
O3 SO4 L . -28.60 12.41 7.33
O4 SO4 L . -26.56 12.60 6.13
CHA HEM M . -11.80 12.31 10.74
CHB HEM M . -11.93 7.58 11.58
CHC HEM M . -8.87 6.74 7.90
CHD HEM M . -9.43 11.37 6.54
C1A HEM M . -12.14 11.12 11.30
C2A HEM M . -13.04 10.91 12.41
C3A HEM M . -13.08 9.59 12.65
C4A HEM M . -12.19 8.93 11.68
CMA HEM M . -13.92 8.90 13.75
CAA HEM M . -13.80 12.03 13.19
CBA HEM M . -12.81 12.64 14.20
CGA HEM M . -13.46 13.43 15.33
O1A HEM M . -12.90 13.43 16.45
O2A HEM M . -14.51 14.07 15.10
C1B HEM M . -11.07 6.94 10.72
C2B HEM M . -10.72 5.55 10.75
C3B HEM M . -9.86 5.32 9.74
C4B HEM M . -9.65 6.55 9.02
CMB HEM M . -11.25 4.56 11.82
CAB HEM M . -9.16 4.00 9.33
CBB HEM M . -9.52 2.81 9.83
C1C HEM M . -8.81 7.89 7.16
C2C HEM M . -8.15 8.08 5.87
C3C HEM M . -8.32 9.37 5.51
C4C HEM M . -9.06 10.03 6.55
CMC HEM M . -7.43 6.95 5.11
CAC HEM M . -7.84 10.11 4.24
CBC HEM M . -7.78 9.51 3.04
C1D HEM M . -10.03 12.07 7.56
C2D HEM M . -10.18 13.50 7.61
C3D HEM M . -10.91 13.77 8.93
C4D HEM M . -11.13 12.50 9.53
CMD HEM M . -9.69 14.54 6.58
CAD HEM M . -11.35 15.14 9.49
CBD HEM M . -10.41 15.59 10.57
CGD HEM M . -11.00 16.89 11.07
O1D HEM M . -11.77 16.83 12.07
O2D HEM M . -10.74 17.96 10.47
NA HEM M . -11.64 9.89 10.88
NB HEM M . -10.41 7.51 9.66
NC HEM M . -9.35 9.11 7.52
ND HEM M . -10.61 11.52 8.70
FE HEM M . -10.56 9.49 9.17
#